data_6AA7
#
_entry.id   6AA7
#
_cell.length_a   78.618
_cell.length_b   90.553
_cell.length_c   73.429
_cell.angle_alpha   90.00
_cell.angle_beta   90.00
_cell.angle_gamma   90.00
#
_symmetry.space_group_name_H-M   'P 21 21 2'
#
loop_
_entity.id
_entity.type
_entity.pdbx_description
1 polymer 'Fluorescent protein'
2 water water
#
_entity_poly.entity_id   1
_entity_poly.type   'polypeptide(L)'
_entity_poly.pdbx_seq_one_letter_code
;GSHMMALSKHGLTKDMTMKYRMEGCVDGHKFVITGHGNGSPFEGKQTINLCVVEGGPLPFSEDILSAVF(XYG)NRVFTD
YPQGMVDFFKNSCPAGYTWQRSLLFEDGAVCTASADITVSVEENCFYHESKFHGVNFPADGPVMKKMTINWEPCCEKIIP
VPRQGILKGDVAMYLLLKDGGRYRCQFDTVYKAKTDSKKMPEWHFIQHKLTREDRSDAKNQKWQLAEHSVASRSALA
;
_entity_poly.pdbx_strand_id   A,B
#
# COMPACT_ATOMS: atom_id res chain seq x y z
N LEU A 7 -6.47 -22.31 24.39
CA LEU A 7 -7.01 -21.87 23.06
C LEU A 7 -8.35 -21.14 23.18
N SER A 8 -9.16 -21.50 24.20
CA SER A 8 -10.50 -20.91 24.36
C SER A 8 -10.45 -19.44 24.84
N LYS A 9 -9.23 -19.03 25.24
CA LYS A 9 -8.98 -17.86 26.12
C LYS A 9 -9.40 -16.56 25.49
N HIS A 10 -9.45 -16.54 24.19
CA HIS A 10 -9.93 -15.32 23.54
C HIS A 10 -11.38 -14.96 23.82
N GLY A 11 -12.20 -15.92 24.29
CA GLY A 11 -13.62 -15.65 24.50
C GLY A 11 -14.42 -15.58 23.21
N LEU A 12 -13.87 -16.09 22.12
CA LEU A 12 -14.53 -16.11 20.86
C LEU A 12 -14.99 -17.49 20.45
N THR A 13 -15.96 -17.51 19.54
CA THR A 13 -16.44 -18.78 18.97
C THR A 13 -16.50 -18.67 17.50
N LYS A 14 -16.85 -19.77 16.83
CA LYS A 14 -16.77 -19.81 15.39
C LYS A 14 -17.69 -18.85 14.70
N ASP A 15 -18.92 -18.72 15.21
CA ASP A 15 -19.97 -17.86 14.65
C ASP A 15 -20.44 -16.94 15.73
N MET A 16 -20.48 -15.63 15.44
CA MET A 16 -20.76 -14.63 16.48
C MET A 16 -21.63 -13.54 15.89
N THR A 17 -22.16 -12.70 16.76
CA THR A 17 -22.99 -11.58 16.31
C THR A 17 -22.30 -10.30 16.77
N MET A 18 -22.79 -9.16 16.31
CA MET A 18 -22.26 -7.84 16.63
C MET A 18 -23.43 -6.83 16.69
N LYS A 19 -23.24 -5.83 17.50
CA LYS A 19 -24.07 -4.65 17.53
C LYS A 19 -23.25 -3.39 17.39
N TYR A 20 -23.78 -2.41 16.65
CA TYR A 20 -23.08 -1.21 16.28
C TYR A 20 -23.86 0.01 16.71
N ARG A 21 -23.15 1.00 17.22
CA ARG A 21 -23.60 2.40 17.22
C ARG A 21 -22.50 3.34 16.73
N MET A 22 -22.83 4.23 15.78
CA MET A 22 -21.92 5.26 15.30
C MET A 22 -22.59 6.60 15.48
N GLU A 23 -21.84 7.54 16.03
CA GLU A 23 -22.24 8.94 16.05
C GLU A 23 -21.30 9.66 15.15
N GLY A 24 -21.86 10.39 14.22
CA GLY A 24 -21.07 11.15 13.33
C GLY A 24 -21.57 12.52 12.95
N CYS A 25 -20.70 13.24 12.26
CA CYS A 25 -20.92 14.59 11.72
C CYS A 25 -20.03 14.80 10.51
N VAL A 26 -20.63 15.02 9.32
CA VAL A 26 -19.90 15.31 8.11
C VAL A 26 -20.41 16.64 7.60
N ASP A 27 -19.47 17.57 7.51
CA ASP A 27 -19.80 19.00 7.20
C ASP A 27 -21.00 19.56 7.87
N GLY A 28 -21.02 19.38 9.18
CA GLY A 28 -22.10 19.87 10.03
C GLY A 28 -23.38 19.09 10.00
N HIS A 29 -23.47 18.07 9.16
CA HIS A 29 -24.64 17.22 9.21
C HIS A 29 -24.47 16.11 10.21
N LYS A 30 -25.28 16.16 11.28
CA LYS A 30 -25.21 15.17 12.35
C LYS A 30 -25.98 13.94 12.01
N PHE A 31 -25.49 12.78 12.49
CA PHE A 31 -26.20 11.53 12.27
C PHE A 31 -25.82 10.41 13.22
N VAL A 32 -26.71 9.47 13.34
CA VAL A 32 -26.51 8.28 14.16
C VAL A 32 -26.88 7.06 13.36
N ILE A 33 -25.99 6.06 13.39
CA ILE A 33 -26.22 4.83 12.70
C ILE A 33 -26.15 3.73 13.70
N THR A 34 -27.06 2.76 13.58
CA THR A 34 -27.02 1.60 14.42
C THR A 34 -27.16 0.39 13.54
N GLY A 35 -26.85 -0.76 14.10
CA GLY A 35 -26.92 -1.95 13.32
C GLY A 35 -26.57 -3.21 14.04
N HIS A 36 -26.61 -4.27 13.26
CA HIS A 36 -26.34 -5.61 13.76
C HIS A 36 -25.61 -6.41 12.68
N GLY A 37 -24.87 -7.39 13.17
CA GLY A 37 -24.06 -8.19 12.32
C GLY A 37 -23.95 -9.64 12.78
N ASN A 38 -23.43 -10.43 11.86
CA ASN A 38 -22.99 -11.78 12.13
C ASN A 38 -21.73 -12.07 11.32
N GLY A 39 -20.87 -12.88 11.90
CA GLY A 39 -19.70 -13.32 11.12
C GLY A 39 -18.94 -14.43 11.82
N SER A 40 -17.78 -14.72 11.24
CA SER A 40 -16.92 -15.83 11.70
C SER A 40 -15.51 -15.25 11.86
N PRO A 41 -15.10 -14.98 13.09
CA PRO A 41 -13.89 -14.16 13.21
C PRO A 41 -12.62 -14.89 12.75
N PHE A 42 -12.58 -16.21 12.90
CA PHE A 42 -11.38 -16.96 12.43
C PHE A 42 -11.30 -17.10 10.93
N GLU A 43 -12.44 -16.94 10.24
CA GLU A 43 -12.49 -16.87 8.79
C GLU A 43 -12.27 -15.49 8.20
N GLY A 44 -12.19 -14.50 9.06
CA GLY A 44 -12.09 -13.13 8.60
C GLY A 44 -13.27 -12.60 7.78
N LYS A 45 -14.45 -13.13 8.05
CA LYS A 45 -15.68 -12.81 7.32
C LYS A 45 -16.75 -12.26 8.19
N GLN A 46 -17.40 -11.20 7.70
CA GLN A 46 -18.59 -10.67 8.42
C GLN A 46 -19.60 -9.99 7.48
N THR A 47 -20.84 -9.94 7.95
CA THR A 47 -21.94 -9.22 7.28
C THR A 47 -22.53 -8.31 8.31
N ILE A 48 -22.75 -7.07 7.91
CA ILE A 48 -23.16 -6.00 8.82
C ILE A 48 -24.36 -5.28 8.22
N ASN A 49 -25.39 -5.11 9.03
CA ASN A 49 -26.62 -4.48 8.60
C ASN A 49 -26.81 -3.18 9.36
N LEU A 50 -26.81 -2.09 8.62
CA LEU A 50 -26.80 -0.75 9.19
C LEU A 50 -28.11 -0.02 8.82
N CYS A 51 -28.53 0.84 9.72
CA CYS A 51 -29.69 1.74 9.47
C CYS A 51 -29.37 3.15 9.98
N VAL A 52 -29.77 4.20 9.25
CA VAL A 52 -29.51 5.60 9.67
C VAL A 52 -30.70 5.98 10.51
N VAL A 53 -30.49 6.12 11.79
CA VAL A 53 -31.52 6.20 12.80
C VAL A 53 -31.77 7.64 13.23
N GLU A 54 -30.79 8.52 13.00
CA GLU A 54 -30.96 9.96 13.08
C GLU A 54 -30.18 10.62 11.98
N GLY A 55 -30.75 11.69 11.44
CA GLY A 55 -30.12 12.45 10.38
C GLY A 55 -30.28 11.89 8.97
N GLY A 56 -31.12 10.88 8.79
CA GLY A 56 -31.26 10.33 7.48
C GLY A 56 -32.34 11.08 6.70
N PRO A 57 -32.30 11.07 5.38
CA PRO A 57 -31.25 10.43 4.59
C PRO A 57 -29.94 11.25 4.62
N LEU A 58 -28.80 10.58 4.50
CA LEU A 58 -27.52 11.28 4.48
C LEU A 58 -27.27 12.02 3.21
N PRO A 59 -26.72 13.21 3.29
CA PRO A 59 -26.46 13.96 2.07
C PRO A 59 -25.13 13.61 1.41
N PHE A 60 -24.37 12.69 2.02
CA PHE A 60 -23.04 12.33 1.49
C PHE A 60 -23.06 10.80 1.29
N SER A 61 -22.15 10.31 0.48
CA SER A 61 -22.00 8.91 0.28
C SER A 61 -21.65 8.12 1.53
N GLU A 62 -22.46 7.10 1.80
CA GLU A 62 -22.22 6.26 2.94
C GLU A 62 -20.98 5.40 2.86
N ASP A 63 -20.38 5.33 1.66
CA ASP A 63 -19.16 4.53 1.53
C ASP A 63 -17.99 5.13 2.38
N ILE A 64 -18.01 6.43 2.64
CA ILE A 64 -16.94 7.04 3.44
C ILE A 64 -16.90 6.44 4.86
N LEU A 65 -18.01 5.85 5.27
CA LEU A 65 -18.17 5.22 6.58
C LEU A 65 -17.81 3.76 6.74
N SER A 66 -17.74 3.04 5.62
CA SER A 66 -17.83 1.60 5.64
C SER A 66 -16.74 0.92 6.45
N ALA A 67 -15.53 1.47 6.34
CA ALA A 67 -14.39 0.89 7.00
C ALA A 67 -14.26 1.19 8.45
N VAL A 68 -15.24 1.88 8.99
CA VAL A 68 -15.37 2.07 10.40
C VAL A 68 -15.95 0.86 11.16
N PHE A 69 -16.58 -0.06 10.42
CA PHE A 69 -17.41 -1.04 11.08
C PHE A 69 -16.78 -2.44 11.28
N1 XYG A 70 -15.79 -2.74 10.53
CB1 XYG A 70 -15.87 -2.93 8.10
CA1 XYG A 70 -15.18 -2.57 9.37
C1 XYG A 70 -13.74 -2.23 9.25
N2 XYG A 70 -13.11 -2.29 8.04
OH XYG A 70 -10.31 -2.28 1.96
CD2 XYG A 70 -11.75 -2.49 5.33
CE2 XYG A 70 -11.65 -2.56 3.96
CZ XYG A 70 -10.47 -2.21 3.30
CE1 XYG A 70 -9.43 -1.68 4.04
CD1 XYG A 70 -9.49 -1.62 5.42
CG2 XYG A 70 -10.67 -1.97 6.06
CB2 XYG A 70 -10.68 -1.86 7.48
CA2 XYG A 70 -11.81 -1.99 8.37
C2 XYG A 70 -11.73 -1.63 9.75
O2 XYG A 70 -10.65 -1.31 10.44
N3 XYG A 70 -12.93 -1.86 10.25
CA3 XYG A 70 -13.24 -1.49 11.64
C3 XYG A 70 -13.28 -2.47 12.76
O3 XYG A 70 -13.51 -2.00 13.85
N ASN A 71 -13.13 -3.69 12.41
CA ASN A 71 -13.09 -4.68 13.47
C ASN A 71 -12.13 -5.82 13.07
N ARG A 72 -10.84 -5.61 13.36
CA ARG A 72 -9.79 -6.48 12.90
C ARG A 72 -9.75 -7.79 13.66
N VAL A 73 -10.63 -7.99 14.64
CA VAL A 73 -10.86 -9.36 15.20
C VAL A 73 -11.35 -10.29 14.06
N PHE A 74 -12.06 -9.69 13.14
CA PHE A 74 -12.47 -10.34 11.90
C PHE A 74 -11.41 -10.27 10.77
N THR A 75 -10.30 -10.96 11.02
CA THR A 75 -9.25 -11.16 10.07
C THR A 75 -8.85 -12.65 10.18
N ASP A 76 -8.68 -13.30 9.03
CA ASP A 76 -8.09 -14.64 9.06
C ASP A 76 -6.57 -14.52 9.15
N TYR A 77 -6.02 -14.76 10.34
CA TYR A 77 -4.61 -14.89 10.53
C TYR A 77 -4.13 -16.35 10.37
N PRO A 78 -3.17 -16.61 9.46
CA PRO A 78 -2.50 -17.93 9.32
C PRO A 78 -1.81 -18.31 10.59
N GLN A 79 -1.72 -19.63 10.81
CA GLN A 79 -1.01 -20.08 11.99
C GLN A 79 0.41 -19.70 11.84
N GLY A 80 1.03 -19.40 12.95
CA GLY A 80 2.41 -19.02 12.91
C GLY A 80 2.57 -17.49 12.98
N MET A 81 1.53 -16.72 12.68
CA MET A 81 1.53 -15.26 12.90
C MET A 81 0.92 -14.88 14.21
N VAL A 82 1.39 -13.81 14.81
CA VAL A 82 0.83 -13.38 16.08
C VAL A 82 -0.42 -12.58 15.65
N ASP A 83 -1.54 -12.91 16.26
CA ASP A 83 -2.86 -12.22 16.03
C ASP A 83 -3.08 -11.24 17.19
N PHE A 84 -2.61 -10.02 16.98
CA PHE A 84 -2.72 -8.95 17.98
C PHE A 84 -4.15 -8.73 18.46
N PHE A 85 -5.10 -8.90 17.54
CA PHE A 85 -6.48 -8.48 17.76
C PHE A 85 -7.21 -9.54 18.62
N LYS A 86 -7.06 -10.79 18.21
CA LYS A 86 -7.71 -11.85 18.98
C LYS A 86 -6.98 -12.04 20.31
N ASN A 87 -5.67 -11.83 20.35
CA ASN A 87 -4.95 -11.78 21.63
C ASN A 87 -5.56 -10.76 22.62
N SER A 88 -6.14 -9.66 22.11
CA SER A 88 -6.76 -8.63 22.95
C SER A 88 -8.16 -8.97 23.37
N CYS A 89 -8.71 -10.11 22.91
CA CYS A 89 -10.06 -10.44 23.26
C CYS A 89 -10.04 -11.30 24.55
N PRO A 90 -11.11 -11.30 25.34
CA PRO A 90 -12.37 -10.63 25.03
C PRO A 90 -12.48 -9.13 25.43
N ALA A 91 -11.51 -8.55 26.13
CA ALA A 91 -11.60 -7.11 26.49
C ALA A 91 -11.80 -6.24 25.23
N GLY A 92 -11.01 -6.58 24.21
CA GLY A 92 -11.07 -6.00 22.88
C GLY A 92 -9.98 -4.97 22.61
N TYR A 93 -10.25 -4.04 21.70
CA TYR A 93 -9.18 -3.15 21.25
C TYR A 93 -9.84 -1.82 20.79
N THR A 94 -8.99 -0.84 20.54
CA THR A 94 -9.46 0.49 20.02
C THR A 94 -8.60 0.90 18.87
N TRP A 95 -9.09 1.84 18.06
CA TRP A 95 -8.32 2.28 16.98
C TRP A 95 -8.72 3.71 16.65
N GLN A 96 -7.79 4.35 15.95
CA GLN A 96 -7.93 5.74 15.48
C GLN A 96 -7.38 5.81 14.08
N ARG A 97 -8.09 6.53 13.19
CA ARG A 97 -7.73 6.58 11.80
C ARG A 97 -7.99 7.97 11.22
N SER A 98 -7.07 8.38 10.37
CA SER A 98 -7.23 9.52 9.49
C SER A 98 -7.53 9.03 8.07
N LEU A 99 -8.41 9.75 7.37
CA LEU A 99 -8.78 9.47 5.99
C LEU A 99 -8.52 10.77 5.21
N LEU A 100 -7.53 10.80 4.34
CA LEU A 100 -7.21 11.94 3.53
C LEU A 100 -7.57 11.59 2.11
N PHE A 101 -8.66 12.22 1.68
CA PHE A 101 -9.11 12.06 0.29
C PHE A 101 -8.39 12.97 -0.70
N GLU A 102 -8.33 12.57 -1.95
CA GLU A 102 -7.54 13.25 -2.94
C GLU A 102 -8.03 14.61 -3.30
N ASP A 103 -9.26 14.93 -3.02
CA ASP A 103 -9.77 16.29 -3.31
C ASP A 103 -9.84 17.19 -2.07
N GLY A 104 -9.03 16.84 -1.06
CA GLY A 104 -8.82 17.64 0.11
C GLY A 104 -9.74 17.40 1.25
N ALA A 105 -10.74 16.55 1.07
CA ALA A 105 -11.61 16.24 2.16
C ALA A 105 -10.81 15.43 3.17
N VAL A 106 -11.18 15.55 4.43
CA VAL A 106 -10.49 14.90 5.54
C VAL A 106 -11.50 14.36 6.52
N CYS A 107 -11.32 13.10 6.93
CA CYS A 107 -12.13 12.52 7.98
C CYS A 107 -11.22 11.96 9.10
N THR A 108 -11.77 11.93 10.31
CA THR A 108 -11.22 11.23 11.47
C THR A 108 -12.22 10.27 11.94
N ALA A 109 -11.76 9.10 12.34
CA ALA A 109 -12.68 8.09 12.82
C ALA A 109 -12.02 7.34 13.96
N SER A 110 -12.83 6.82 14.85
CA SER A 110 -12.33 6.06 15.99
C SER A 110 -13.37 5.03 16.43
N ALA A 111 -12.90 3.91 17.00
CA ALA A 111 -13.83 2.96 17.53
C ALA A 111 -13.28 2.16 18.70
N ASP A 112 -14.23 1.56 19.44
CA ASP A 112 -13.92 0.72 20.59
C ASP A 112 -14.65 -0.58 20.39
N ILE A 113 -13.93 -1.69 20.35
CA ILE A 113 -14.53 -3.01 20.22
C ILE A 113 -14.43 -3.79 21.56
N THR A 114 -15.54 -4.38 22.00
CA THR A 114 -15.59 -5.24 23.19
C THR A 114 -16.35 -6.53 22.86
N VAL A 115 -15.99 -7.65 23.53
CA VAL A 115 -16.70 -8.90 23.37
C VAL A 115 -17.52 -9.16 24.64
N SER A 116 -18.80 -9.46 24.46
CA SER A 116 -19.62 -10.00 25.58
C SER A 116 -19.59 -11.51 25.35
N VAL A 117 -18.82 -12.20 26.15
CA VAL A 117 -18.65 -13.65 25.98
C VAL A 117 -19.96 -14.39 26.25
N GLU A 118 -20.74 -13.87 27.17
CA GLU A 118 -22.00 -14.49 27.54
C GLU A 118 -23.02 -14.40 26.40
N GLU A 119 -22.93 -13.34 25.59
CA GLU A 119 -23.84 -13.17 24.48
C GLU A 119 -23.26 -13.66 23.16
N ASN A 120 -21.97 -14.04 23.21
CA ASN A 120 -21.26 -14.40 22.02
C ASN A 120 -21.40 -13.22 20.99
N CYS A 121 -21.18 -11.97 21.45
CA CYS A 121 -21.57 -10.76 20.63
C CYS A 121 -20.52 -9.68 20.82
N PHE A 122 -20.15 -9.01 19.74
CA PHE A 122 -19.33 -7.82 19.82
C PHE A 122 -20.19 -6.55 20.00
N TYR A 123 -19.68 -5.62 20.78
CA TYR A 123 -20.24 -4.29 20.93
C TYR A 123 -19.21 -3.34 20.31
N HIS A 124 -19.68 -2.56 19.33
CA HIS A 124 -18.82 -1.75 18.52
C HIS A 124 -19.39 -0.35 18.55
N GLU A 125 -18.61 0.55 19.11
CA GLU A 125 -18.98 1.96 19.25
C GLU A 125 -18.01 2.82 18.53
N SER A 126 -18.49 3.68 17.63
CA SER A 126 -17.59 4.43 16.81
C SER A 126 -18.01 5.89 16.69
N LYS A 127 -17.06 6.70 16.24
CA LYS A 127 -17.25 8.14 16.00
C LYS A 127 -16.61 8.52 14.70
N PHE A 128 -17.23 9.45 13.95
CA PHE A 128 -16.79 9.81 12.62
C PHE A 128 -17.02 11.30 12.42
N HIS A 129 -16.01 12.03 12.01
CA HIS A 129 -16.11 13.48 11.72
C HIS A 129 -15.45 13.70 10.37
N GLY A 130 -16.17 14.36 9.47
CA GLY A 130 -15.60 14.60 8.17
C GLY A 130 -15.78 16.05 7.79
N VAL A 131 -14.81 16.60 7.07
CA VAL A 131 -14.89 17.96 6.64
C VAL A 131 -14.45 18.12 5.22
N ASN A 132 -15.01 19.17 4.59
CA ASN A 132 -14.56 19.67 3.36
C ASN A 132 -14.66 18.78 2.11
N PHE A 133 -15.72 18.02 2.04
CA PHE A 133 -16.13 17.38 0.78
C PHE A 133 -16.68 18.43 -0.19
N PRO A 134 -16.07 18.56 -1.36
CA PRO A 134 -16.54 19.57 -2.38
C PRO A 134 -17.96 19.25 -2.81
N ALA A 135 -18.81 20.27 -2.98
CA ALA A 135 -20.18 20.07 -3.35
C ALA A 135 -20.27 19.35 -4.68
N ASP A 136 -19.30 19.53 -5.55
CA ASP A 136 -19.32 18.89 -6.87
C ASP A 136 -18.57 17.54 -6.94
N GLY A 137 -18.00 17.08 -5.83
CA GLY A 137 -17.30 15.81 -5.88
C GLY A 137 -18.15 14.56 -5.71
N PRO A 138 -17.49 13.42 -5.81
CA PRO A 138 -18.24 12.19 -5.79
C PRO A 138 -18.90 11.80 -4.54
N VAL A 139 -18.43 12.29 -3.39
CA VAL A 139 -19.11 11.96 -2.17
C VAL A 139 -20.44 12.68 -2.00
N MET A 140 -20.45 13.99 -2.24
CA MET A 140 -21.67 14.73 -2.17
C MET A 140 -22.63 14.44 -3.36
N LYS A 141 -22.08 14.05 -4.50
CA LYS A 141 -22.93 13.63 -5.62
C LYS A 141 -23.32 12.13 -5.59
N LYS A 142 -22.88 11.38 -4.56
CA LYS A 142 -23.29 9.97 -4.40
C LYS A 142 -22.97 9.14 -5.62
N MET A 143 -21.75 9.32 -6.07
CA MET A 143 -21.24 8.62 -7.21
C MET A 143 -20.36 7.41 -6.86
N THR A 144 -20.23 7.09 -5.57
CA THR A 144 -19.33 6.01 -5.19
C THR A 144 -20.10 4.70 -5.11
N ILE A 145 -19.45 3.62 -5.53
CA ILE A 145 -20.10 2.34 -5.57
C ILE A 145 -19.47 1.36 -4.57
N ASN A 146 -18.14 1.30 -4.55
CA ASN A 146 -17.45 0.37 -3.63
C ASN A 146 -15.97 0.75 -3.48
N TRP A 147 -15.41 0.35 -2.33
CA TRP A 147 -13.97 0.38 -2.15
C TRP A 147 -13.40 -0.81 -2.91
N GLU A 148 -12.30 -0.57 -3.58
CA GLU A 148 -11.58 -1.58 -4.31
C GLU A 148 -10.87 -2.45 -3.30
N PRO A 149 -10.83 -3.75 -3.53
CA PRO A 149 -9.97 -4.58 -2.60
C PRO A 149 -8.48 -4.10 -2.56
N CYS A 150 -7.82 -4.26 -1.42
CA CYS A 150 -6.59 -3.57 -1.10
C CYS A 150 -5.61 -4.49 -0.35
N CYS A 151 -4.43 -3.92 -0.04
CA CYS A 151 -3.41 -4.58 0.75
C CYS A 151 -2.86 -3.57 1.73
N GLU A 152 -3.13 -3.74 3.01
CA GLU A 152 -2.77 -2.81 4.07
C GLU A 152 -1.52 -3.35 4.67
N LYS A 153 -0.53 -2.48 4.82
CA LYS A 153 0.65 -2.82 5.66
C LYS A 153 0.47 -2.56 7.12
N ILE A 154 0.82 -3.54 7.98
CA ILE A 154 0.70 -3.47 9.38
C ILE A 154 2.14 -3.53 9.97
N ILE A 155 2.43 -2.54 10.79
CA ILE A 155 3.78 -2.33 11.37
C ILE A 155 3.69 -2.26 12.84
N PRO A 156 4.54 -3.03 13.52
CA PRO A 156 4.59 -2.97 14.96
C PRO A 156 5.43 -1.81 15.49
N VAL A 157 5.02 -1.25 16.62
CA VAL A 157 5.75 -0.17 17.32
C VAL A 157 6.02 -0.72 18.71
N PRO A 158 7.08 -1.54 18.81
CA PRO A 158 7.29 -2.37 20.02
C PRO A 158 7.50 -1.54 21.27
N ARG A 159 8.23 -0.46 21.14
CA ARG A 159 8.27 0.56 22.18
C ARG A 159 6.95 0.77 22.89
N GLN A 160 5.86 0.92 22.12
CA GLN A 160 4.59 1.29 22.68
C GLN A 160 3.53 0.20 22.70
N GLY A 161 3.80 -0.95 22.10
CA GLY A 161 2.81 -2.01 22.09
C GLY A 161 1.58 -1.67 21.26
N ILE A 162 1.76 -0.87 20.21
CA ILE A 162 0.66 -0.60 19.26
C ILE A 162 1.08 -1.08 17.89
N LEU A 163 0.09 -1.15 16.97
CA LEU A 163 0.37 -1.33 15.58
C LEU A 163 -0.12 -0.09 14.82
N LYS A 164 0.49 0.12 13.72
CA LYS A 164 0.11 1.13 12.70
C LYS A 164 -0.21 0.44 11.40
N GLY A 165 -1.25 0.93 10.73
CA GLY A 165 -1.57 0.46 9.43
C GLY A 165 -1.64 1.55 8.44
N ASP A 166 -1.25 1.22 7.26
CA ASP A 166 -1.14 2.16 6.18
C ASP A 166 -1.74 1.54 4.91
N VAL A 167 -2.73 2.17 4.30
CA VAL A 167 -3.25 1.65 3.03
C VAL A 167 -3.81 2.80 2.17
N ALA A 168 -3.44 2.78 0.92
CA ALA A 168 -3.97 3.75 -0.04
C ALA A 168 -5.23 3.10 -0.66
N MET A 169 -6.38 3.64 -0.34
CA MET A 169 -7.64 3.04 -0.72
C MET A 169 -8.19 3.77 -1.92
N TYR A 170 -9.04 3.11 -2.70
CA TYR A 170 -9.69 3.75 -3.82
C TYR A 170 -11.20 3.40 -3.79
N LEU A 171 -12.03 4.41 -3.93
CA LEU A 171 -13.47 4.22 -4.09
C LEU A 171 -13.74 4.22 -5.59
N LEU A 172 -14.47 3.20 -6.06
CA LEU A 172 -14.74 3.12 -7.48
C LEU A 172 -16.06 3.84 -7.74
N LEU A 173 -16.09 4.61 -8.81
CA LEU A 173 -17.19 5.52 -9.08
C LEU A 173 -18.15 4.98 -10.19
N LYS A 174 -19.42 5.41 -10.17
CA LYS A 174 -20.39 5.01 -11.18
C LYS A 174 -19.91 5.09 -12.59
N ASP A 175 -19.19 6.18 -12.85
CA ASP A 175 -18.61 6.42 -14.19
C ASP A 175 -17.39 5.54 -14.59
N GLY A 176 -16.96 4.59 -13.74
CA GLY A 176 -15.78 3.78 -14.01
C GLY A 176 -14.48 4.45 -13.48
N GLY A 177 -14.56 5.64 -12.91
CA GLY A 177 -13.38 6.35 -12.39
C GLY A 177 -13.03 5.86 -10.98
N ARG A 178 -11.98 6.46 -10.40
CA ARG A 178 -11.54 6.03 -9.07
C ARG A 178 -11.19 7.25 -8.23
N TYR A 179 -11.38 7.14 -6.94
CA TYR A 179 -11.21 8.29 -6.06
C TYR A 179 -10.37 7.84 -4.89
N ARG A 180 -9.18 8.41 -4.75
CA ARG A 180 -8.21 7.88 -3.74
C ARG A 180 -8.35 8.45 -2.33
N CYS A 181 -8.07 7.62 -1.32
CA CYS A 181 -8.10 8.03 0.04
C CYS A 181 -7.00 7.29 0.80
N GLN A 182 -6.16 8.04 1.51
CA GLN A 182 -5.08 7.47 2.31
C GLN A 182 -5.60 7.23 3.75
N PHE A 183 -5.54 5.97 4.17
CA PHE A 183 -5.89 5.59 5.53
C PHE A 183 -4.57 5.43 6.31
N ASP A 184 -4.50 6.10 7.45
CA ASP A 184 -3.43 5.84 8.50
C ASP A 184 -4.10 5.54 9.80
N THR A 185 -3.82 4.33 10.37
CA THR A 185 -4.50 3.86 11.52
C THR A 185 -3.50 3.41 12.63
N VAL A 186 -3.93 3.65 13.86
CA VAL A 186 -3.24 3.16 15.04
C VAL A 186 -4.21 2.26 15.76
N TYR A 187 -3.67 1.06 16.06
CA TYR A 187 -4.40 -0.04 16.68
C TYR A 187 -3.79 -0.32 18.03
N LYS A 188 -4.64 -0.26 19.01
CA LYS A 188 -4.25 -0.46 20.44
C LYS A 188 -5.05 -1.52 21.13
N ALA A 189 -4.41 -2.47 21.78
CA ALA A 189 -5.16 -3.44 22.61
C ALA A 189 -5.55 -2.82 23.91
N LYS A 190 -6.59 -3.31 24.55
CA LYS A 190 -7.04 -2.74 25.81
C LYS A 190 -6.19 -3.19 26.98
N THR A 191 -5.60 -4.37 26.88
CA THR A 191 -4.45 -4.69 27.76
C THR A 191 -3.28 -5.41 27.08
N ASP A 192 -2.17 -5.31 27.80
CA ASP A 192 -0.85 -5.53 27.28
C ASP A 192 -0.58 -6.88 26.70
N SER A 193 -0.41 -6.81 25.39
CA SER A 193 0.13 -7.85 24.58
C SER A 193 1.51 -8.24 25.16
N LYS A 194 1.61 -9.47 25.62
CA LYS A 194 2.91 -10.04 25.92
C LYS A 194 3.68 -10.20 24.60
N LYS A 195 2.94 -10.34 23.50
CA LYS A 195 3.52 -10.71 22.22
C LYS A 195 3.15 -9.67 21.14
N MET A 196 4.06 -9.43 20.21
CA MET A 196 3.78 -8.49 19.11
C MET A 196 4.09 -9.19 17.84
N PRO A 197 3.32 -8.95 16.80
CA PRO A 197 3.67 -9.49 15.50
C PRO A 197 4.84 -8.83 14.85
N GLU A 198 5.46 -9.50 13.89
CA GLU A 198 6.33 -8.87 12.94
C GLU A 198 5.43 -8.11 11.98
N TRP A 199 6.04 -7.30 11.15
CA TRP A 199 5.20 -6.56 10.18
C TRP A 199 4.60 -7.57 9.25
N HIS A 200 3.46 -7.25 8.67
CA HIS A 200 2.77 -8.11 7.77
C HIS A 200 1.80 -7.33 6.91
N PHE A 201 1.10 -8.04 6.03
CA PHE A 201 0.00 -7.49 5.21
C PHE A 201 -1.36 -8.03 5.64
N ILE A 202 -2.41 -7.22 5.48
CA ILE A 202 -3.79 -7.72 5.52
C ILE A 202 -4.43 -7.29 4.24
N GLN A 203 -4.91 -8.26 3.45
CA GLN A 203 -5.66 -7.92 2.27
C GLN A 203 -7.18 -7.89 2.70
N HIS A 204 -7.90 -6.93 2.17
CA HIS A 204 -9.29 -6.75 2.56
C HIS A 204 -10.15 -6.64 1.30
N LYS A 205 -11.41 -7.06 1.42
CA LYS A 205 -12.39 -6.82 0.35
C LYS A 205 -13.65 -6.49 1.09
N LEU A 206 -14.17 -5.28 0.91
CA LEU A 206 -15.36 -4.75 1.65
C LEU A 206 -16.42 -4.31 0.63
N THR A 207 -17.66 -4.83 0.77
CA THR A 207 -18.69 -4.55 -0.30
C THR A 207 -19.90 -3.95 0.37
N ARG A 208 -20.65 -3.10 -0.39
CA ARG A 208 -21.89 -2.53 0.04
C ARG A 208 -23.02 -2.81 -1.00
N GLU A 209 -24.17 -3.15 -0.46
CA GLU A 209 -25.43 -3.34 -1.20
C GLU A 209 -26.49 -2.48 -0.50
N ASP A 210 -27.09 -1.53 -1.24
CA ASP A 210 -28.07 -0.64 -0.67
C ASP A 210 -29.30 -1.48 -0.33
N ARG A 211 -29.96 -1.18 0.77
CA ARG A 211 -31.20 -1.86 1.15
C ARG A 211 -32.26 -0.86 1.66
N SER A 212 -32.18 0.38 1.19
CA SER A 212 -33.00 1.43 1.68
C SER A 212 -34.40 1.24 1.03
N ASP A 213 -35.37 1.80 1.69
CA ASP A 213 -36.75 1.77 1.22
C ASP A 213 -37.37 3.08 1.61
N ALA A 214 -38.69 3.23 1.41
CA ALA A 214 -39.33 4.47 1.75
C ALA A 214 -39.26 4.84 3.25
N LYS A 215 -39.01 3.90 4.15
CA LYS A 215 -39.01 4.22 5.61
C LYS A 215 -37.62 4.66 6.12
N ASN A 216 -36.58 3.99 5.64
CA ASN A 216 -35.22 4.22 6.19
C ASN A 216 -34.13 3.99 5.18
N GLN A 217 -33.04 4.70 5.41
CA GLN A 217 -31.84 4.48 4.62
C GLN A 217 -31.07 3.34 5.35
N LYS A 218 -30.74 2.30 4.60
CA LYS A 218 -30.23 1.06 5.18
C LYS A 218 -29.36 0.41 4.19
N TRP A 219 -28.35 -0.35 4.66
CA TRP A 219 -27.46 -1.02 3.70
C TRP A 219 -26.74 -2.15 4.43
N GLN A 220 -26.25 -3.06 3.63
CA GLN A 220 -25.49 -4.18 4.12
C GLN A 220 -24.06 -4.10 3.59
N LEU A 221 -23.13 -4.28 4.50
CA LEU A 221 -21.72 -4.49 4.20
C LEU A 221 -21.29 -5.91 4.39
N ALA A 222 -20.36 -6.35 3.57
CA ALA A 222 -19.73 -7.62 3.78
C ALA A 222 -18.21 -7.48 3.60
N GLU A 223 -17.48 -8.08 4.54
CA GLU A 223 -15.99 -8.00 4.56
C GLU A 223 -15.41 -9.41 4.67
N HIS A 224 -14.33 -9.59 3.97
CA HIS A 224 -13.43 -10.78 4.01
C HIS A 224 -11.97 -10.20 4.09
N SER A 225 -11.25 -10.57 5.12
CA SER A 225 -9.92 -9.99 5.35
C SER A 225 -8.99 -11.09 5.79
N VAL A 226 -7.81 -11.12 5.20
CA VAL A 226 -6.85 -12.22 5.40
C VAL A 226 -5.44 -11.65 5.51
N ALA A 227 -4.73 -12.08 6.55
CA ALA A 227 -3.38 -11.62 6.83
C ALA A 227 -2.35 -12.49 6.08
N SER A 228 -1.20 -11.94 5.73
CA SER A 228 -0.17 -12.69 5.02
C SER A 228 1.20 -12.07 5.27
N ARG A 229 2.25 -12.83 5.02
CA ARG A 229 3.60 -12.27 5.03
C ARG A 229 4.03 -12.02 3.64
N SER A 230 5.13 -11.30 3.50
CA SER A 230 5.77 -11.18 2.23
C SER A 230 5.90 -12.52 1.47
N ALA A 231 5.57 -12.49 0.18
CA ALA A 231 5.73 -13.66 -0.69
C ALA A 231 7.15 -13.92 -1.19
N LEU A 232 8.09 -13.03 -0.89
CA LEU A 232 9.47 -13.15 -1.37
C LEU A 232 10.41 -13.70 -0.29
N ALA A 233 11.24 -14.67 -0.67
CA ALA A 233 12.16 -15.35 0.29
C ALA A 233 13.23 -14.41 0.80
N LYS B 9 10.76 -14.96 -26.29
CA LYS B 9 10.19 -14.03 -27.31
C LYS B 9 10.27 -12.57 -26.78
N HIS B 10 9.78 -11.57 -27.53
CA HIS B 10 9.77 -10.11 -27.15
C HIS B 10 11.17 -9.44 -27.03
N GLY B 11 12.16 -10.06 -27.66
CA GLY B 11 13.56 -9.68 -27.47
C GLY B 11 14.13 -10.21 -26.16
N LEU B 12 13.37 -11.04 -25.47
CA LEU B 12 13.77 -11.50 -24.15
C LEU B 12 14.22 -12.95 -24.18
N THR B 13 15.17 -13.27 -23.31
CA THR B 13 15.57 -14.63 -23.09
C THR B 13 15.57 -14.81 -21.62
N LYS B 14 15.72 -16.06 -21.19
CA LYS B 14 15.67 -16.42 -19.81
C LYS B 14 16.74 -15.68 -19.02
N ASP B 15 17.89 -15.41 -19.64
CA ASP B 15 19.02 -14.86 -18.92
C ASP B 15 19.58 -13.73 -19.74
N MET B 16 19.77 -12.56 -19.12
CA MET B 16 20.06 -11.34 -19.83
C MET B 16 20.96 -10.44 -19.03
N THR B 17 21.51 -9.45 -19.72
CA THR B 17 22.41 -8.53 -19.05
C THR B 17 21.87 -7.09 -19.16
N MET B 18 22.48 -6.22 -18.35
CA MET B 18 22.03 -4.83 -18.33
C MET B 18 23.19 -3.85 -18.19
N LYS B 19 23.02 -2.68 -18.82
CA LYS B 19 23.92 -1.54 -18.68
C LYS B 19 23.19 -0.28 -18.17
N TYR B 20 23.79 0.36 -17.16
CA TYR B 20 23.13 1.51 -16.46
C TYR B 20 23.93 2.81 -16.54
N ARG B 21 23.24 3.92 -16.76
CA ARG B 21 23.74 5.24 -16.52
C ARG B 21 22.66 6.18 -15.87
N MET B 22 23.01 6.74 -14.74
CA MET B 22 22.19 7.73 -14.03
C MET B 22 22.99 9.02 -13.88
N GLU B 23 22.35 10.12 -14.25
CA GLU B 23 22.83 11.46 -13.95
C GLU B 23 21.93 12.00 -12.86
N GLY B 24 22.54 12.48 -11.79
CA GLY B 24 21.74 12.94 -10.66
C GLY B 24 22.22 14.21 -9.98
N CYS B 25 21.32 14.80 -9.18
CA CYS B 25 21.64 15.95 -8.33
C CYS B 25 20.70 15.96 -7.09
N VAL B 26 21.31 15.95 -5.91
CA VAL B 26 20.62 15.96 -4.64
C VAL B 26 21.22 17.08 -3.79
N ASP B 27 20.36 18.03 -3.40
CA ASP B 27 20.73 19.27 -2.78
C ASP B 27 21.97 19.94 -3.36
N GLY B 28 21.98 20.00 -4.66
CA GLY B 28 23.04 20.68 -5.41
C GLY B 28 24.30 19.87 -5.65
N HIS B 29 24.34 18.64 -5.18
CA HIS B 29 25.52 17.79 -5.36
C HIS B 29 25.31 16.94 -6.57
N LYS B 30 26.07 17.22 -7.62
CA LYS B 30 25.94 16.47 -8.86
C LYS B 30 26.67 15.15 -8.78
N PHE B 31 26.15 14.18 -9.49
CA PHE B 31 26.81 12.88 -9.58
C PHE B 31 26.40 12.07 -10.79
N VAL B 32 27.19 11.06 -11.05
CA VAL B 32 26.98 10.17 -12.16
C VAL B 32 27.29 8.78 -11.68
N ILE B 33 26.35 7.87 -11.97
CA ILE B 33 26.51 6.49 -11.61
C ILE B 33 26.39 5.64 -12.89
N THR B 34 27.30 4.67 -13.04
CA THR B 34 27.21 3.71 -14.16
C THR B 34 27.26 2.40 -13.58
N GLY B 35 26.85 1.41 -14.38
CA GLY B 35 26.83 0.07 -13.92
C GLY B 35 26.44 -0.98 -14.92
N HIS B 36 26.42 -2.19 -14.39
CA HIS B 36 26.15 -3.40 -15.15
C HIS B 36 25.38 -4.41 -14.29
N GLY B 37 24.55 -5.18 -14.97
CA GLY B 37 23.81 -6.20 -14.31
C GLY B 37 23.58 -7.46 -15.11
N ASN B 38 23.15 -8.46 -14.36
CA ASN B 38 22.59 -9.69 -14.89
C ASN B 38 21.29 -10.09 -14.14
N GLY B 39 20.34 -10.67 -14.87
CA GLY B 39 19.25 -11.36 -14.20
C GLY B 39 18.34 -12.07 -15.16
N SER B 40 17.18 -12.44 -14.63
CA SER B 40 16.23 -13.32 -15.30
C SER B 40 14.83 -12.72 -15.31
N PRO B 41 14.43 -12.14 -16.43
CA PRO B 41 13.21 -11.33 -16.44
C PRO B 41 11.98 -12.14 -16.03
N PHE B 42 11.92 -13.41 -16.42
CA PHE B 42 10.74 -14.21 -16.18
C PHE B 42 10.64 -14.69 -14.79
N GLU B 43 11.76 -14.69 -14.08
CA GLU B 43 11.76 -14.95 -12.67
C GLU B 43 11.61 -13.69 -11.84
N GLY B 44 11.59 -12.54 -12.48
CA GLY B 44 11.59 -11.25 -11.72
C GLY B 44 12.77 -11.03 -10.80
N LYS B 45 13.95 -11.47 -11.26
CA LYS B 45 15.18 -11.46 -10.46
C LYS B 45 16.30 -10.71 -11.20
N GLN B 46 16.99 -9.85 -10.45
CA GLN B 46 18.12 -9.14 -11.02
C GLN B 46 19.15 -8.76 -9.96
N THR B 47 20.40 -8.64 -10.42
CA THR B 47 21.56 -8.24 -9.61
C THR B 47 22.23 -7.08 -10.35
N ILE B 48 22.52 -6.00 -9.62
CA ILE B 48 22.93 -4.77 -10.28
C ILE B 48 24.16 -4.26 -9.59
N ASN B 49 25.19 -3.99 -10.40
CA ASN B 49 26.46 -3.51 -9.83
C ASN B 49 26.78 -2.07 -10.30
N LEU B 50 26.83 -1.19 -9.32
CA LEU B 50 26.89 0.23 -9.56
C LEU B 50 28.16 0.81 -9.01
N CYS B 51 28.60 1.85 -9.67
CA CYS B 51 29.79 2.59 -9.27
C CYS B 51 29.54 4.10 -9.48
N VAL B 52 29.91 4.86 -8.46
CA VAL B 52 29.87 6.30 -8.51
C VAL B 52 31.12 6.76 -9.24
N VAL B 53 30.89 7.24 -10.45
CA VAL B 53 31.91 7.66 -11.39
C VAL B 53 32.26 9.15 -11.28
N GLU B 54 31.29 10.00 -10.95
CA GLU B 54 31.52 11.41 -10.74
C GLU B 54 30.74 11.77 -9.51
N GLY B 55 31.33 12.58 -8.65
CA GLY B 55 30.63 13.13 -7.48
C GLY B 55 30.78 12.28 -6.25
N GLY B 56 31.65 11.27 -6.28
CA GLY B 56 31.81 10.33 -5.15
C GLY B 56 32.91 10.75 -4.18
N PRO B 57 32.88 10.38 -2.90
CA PRO B 57 31.74 9.72 -2.27
C PRO B 57 30.48 10.59 -2.13
N LEU B 58 29.32 9.95 -2.14
CA LEU B 58 28.06 10.66 -2.04
C LEU B 58 27.84 11.15 -0.66
N PRO B 59 27.39 12.40 -0.51
CA PRO B 59 27.18 12.91 0.82
C PRO B 59 25.81 12.49 1.44
N PHE B 60 25.04 11.74 0.69
CA PHE B 60 23.71 11.27 1.14
C PHE B 60 23.65 9.78 0.98
N SER B 61 22.75 9.18 1.75
CA SER B 61 22.51 7.77 1.64
C SER B 61 22.19 7.32 0.23
N GLU B 62 22.95 6.36 -0.27
CA GLU B 62 22.66 5.81 -1.60
C GLU B 62 21.38 4.99 -1.72
N ASP B 63 20.84 4.57 -0.59
CA ASP B 63 19.56 3.87 -0.58
C ASP B 63 18.41 4.66 -1.25
N ILE B 64 18.46 6.00 -1.20
CA ILE B 64 17.43 6.77 -1.89
C ILE B 64 17.35 6.55 -3.39
N LEU B 65 18.42 6.07 -4.01
CA LEU B 65 18.51 5.83 -5.42
C LEU B 65 18.07 4.42 -5.93
N SER B 66 18.03 3.48 -5.01
CA SER B 66 18.02 2.06 -5.37
C SER B 66 16.87 1.66 -6.30
N ALA B 67 15.65 2.19 -6.05
CA ALA B 67 14.51 1.78 -6.85
C ALA B 67 14.44 2.46 -8.20
N VAL B 68 15.46 3.24 -8.57
CA VAL B 68 15.47 3.72 -9.93
C VAL B 68 16.08 2.77 -10.98
N PHE B 69 16.71 1.71 -10.52
CA PHE B 69 17.47 0.82 -11.38
C PHE B 69 16.80 -0.48 -11.75
N1 XYG B 70 15.77 -0.97 -11.11
CB1 XYG B 70 15.95 -1.46 -8.78
CA1 XYG B 70 15.22 -0.97 -9.97
C1 XYG B 70 13.77 -0.60 -9.79
N2 XYG B 70 13.12 -0.94 -8.65
OH XYG B 70 10.21 -2.06 -2.64
CD2 XYG B 70 9.53 -0.68 -5.90
CE2 XYG B 70 9.41 -1.03 -4.59
CZ XYG B 70 10.40 -1.73 -3.94
CE1 XYG B 70 11.59 -2.06 -4.63
CD1 XYG B 70 11.73 -1.70 -5.95
CG2 XYG B 70 10.69 -1.01 -6.59
CB2 XYG B 70 10.72 -0.57 -7.92
CA2 XYG B 70 11.86 -0.48 -8.84
C2 XYG B 70 11.78 0.16 -10.12
O2 XYG B 70 10.74 0.68 -10.66
N3 XYG B 70 12.97 0.03 -10.70
CA3 XYG B 70 13.22 0.70 -11.95
C3 XYG B 70 13.27 -0.07 -13.23
O3 XYG B 70 13.56 0.71 -14.16
N ASN B 71 12.99 -1.36 -13.16
CA ASN B 71 12.91 -1.92 -14.51
C ASN B 71 11.98 -3.08 -14.36
N ARG B 72 10.73 -2.80 -14.67
CA ARG B 72 9.64 -3.72 -14.31
C ARG B 72 9.56 -4.83 -15.37
N VAL B 73 10.43 -4.79 -16.37
CA VAL B 73 10.58 -6.01 -17.19
C VAL B 73 11.01 -7.19 -16.33
N PHE B 74 11.76 -6.92 -15.25
CA PHE B 74 12.14 -7.86 -14.21
C PHE B 74 11.06 -8.02 -13.14
N THR B 75 9.93 -8.52 -13.62
CA THR B 75 8.84 -8.94 -12.75
C THR B 75 8.34 -10.32 -13.21
N ASP B 76 8.16 -11.20 -12.23
CA ASP B 76 7.49 -12.50 -12.45
C ASP B 76 5.94 -12.32 -12.49
N TYR B 77 5.43 -12.27 -13.72
CA TYR B 77 4.02 -12.23 -14.02
C TYR B 77 3.50 -13.65 -14.24
N PRO B 78 2.55 -14.11 -13.42
CA PRO B 78 1.80 -15.34 -13.65
C PRO B 78 1.17 -15.44 -15.00
N GLN B 79 1.00 -16.68 -15.43
CA GLN B 79 0.35 -16.94 -16.68
C GLN B 79 -1.09 -16.44 -16.56
N GLY B 80 -1.58 -15.81 -17.59
CA GLY B 80 -2.94 -15.31 -17.52
C GLY B 80 -3.01 -13.82 -17.20
N MET B 81 -1.94 -13.20 -16.68
CA MET B 81 -1.96 -11.76 -16.35
C MET B 81 -1.25 -11.04 -17.43
N VAL B 82 -1.82 -9.95 -17.91
CA VAL B 82 -1.21 -9.16 -18.93
C VAL B 82 0.10 -8.53 -18.40
N ASP B 83 1.19 -8.72 -19.15
CA ASP B 83 2.49 -8.19 -18.80
C ASP B 83 2.76 -7.02 -19.69
N PHE B 84 2.35 -5.84 -19.21
CA PHE B 84 2.51 -4.54 -19.89
C PHE B 84 3.96 -4.28 -20.22
N PHE B 85 4.84 -4.71 -19.33
CA PHE B 85 6.25 -4.34 -19.42
C PHE B 85 6.98 -5.23 -20.47
N LYS B 86 6.81 -6.55 -20.34
CA LYS B 86 7.32 -7.48 -21.38
C LYS B 86 6.67 -7.22 -22.70
N ASN B 87 5.38 -6.93 -22.74
CA ASN B 87 4.74 -6.55 -23.98
C ASN B 87 5.37 -5.32 -24.63
N SER B 88 6.05 -4.46 -23.85
CA SER B 88 6.60 -3.20 -24.39
C SER B 88 7.94 -3.45 -25.10
N CYS B 89 8.53 -4.58 -24.74
CA CYS B 89 9.86 -5.02 -25.29
C CYS B 89 9.74 -5.55 -26.73
N PRO B 90 10.74 -5.29 -27.60
CA PRO B 90 12.07 -4.78 -27.20
C PRO B 90 12.30 -3.28 -27.21
N ALA B 91 11.41 -2.50 -27.82
CA ALA B 91 11.52 -1.04 -27.78
C ALA B 91 11.70 -0.55 -26.33
N GLY B 92 10.90 -1.13 -25.42
CA GLY B 92 10.96 -0.80 -24.01
C GLY B 92 9.83 0.08 -23.48
N TYR B 93 10.08 0.65 -22.30
CA TYR B 93 9.11 1.50 -21.62
C TYR B 93 9.86 2.60 -20.88
N THR B 94 9.11 3.64 -20.53
CA THR B 94 9.67 4.72 -19.71
C THR B 94 8.85 4.89 -18.38
N TRP B 95 9.44 5.51 -17.36
CA TRP B 95 8.64 5.82 -16.19
C TRP B 95 9.03 7.13 -15.53
N GLN B 96 8.10 7.70 -14.74
CA GLN B 96 8.34 8.93 -14.00
C GLN B 96 7.81 8.68 -12.60
N ARG B 97 8.50 9.12 -11.57
CA ARG B 97 8.12 8.86 -10.15
C ARG B 97 8.46 10.04 -9.26
N SER B 98 7.57 10.31 -8.30
CA SER B 98 7.86 11.16 -7.22
C SER B 98 8.07 10.33 -5.98
N LEU B 99 8.97 10.83 -5.14
CA LEU B 99 9.28 10.20 -3.85
C LEU B 99 9.09 11.29 -2.82
N LEU B 100 8.07 11.07 -1.99
CA LEU B 100 7.75 12.03 -0.95
C LEU B 100 8.12 11.42 0.41
N PHE B 101 9.21 11.92 0.98
CA PHE B 101 9.70 11.38 2.26
C PHE B 101 9.00 12.05 3.45
N GLU B 102 8.96 11.37 4.60
CA GLU B 102 8.14 11.84 5.72
C GLU B 102 8.64 13.11 6.38
N ASP B 103 9.91 13.46 6.18
CA ASP B 103 10.48 14.66 6.70
C ASP B 103 10.58 15.83 5.71
N GLY B 104 9.79 15.82 4.64
CA GLY B 104 9.69 16.90 3.69
C GLY B 104 10.65 16.83 2.52
N ALA B 105 11.60 15.91 2.55
CA ALA B 105 12.39 15.71 1.39
C ALA B 105 11.58 15.21 0.22
N VAL B 106 11.92 15.71 -0.96
CA VAL B 106 11.20 15.35 -2.20
C VAL B 106 12.20 15.00 -3.26
N CYS B 107 12.01 13.84 -3.92
CA CYS B 107 12.80 13.53 -5.14
C CYS B 107 11.91 13.28 -6.34
N THR B 108 12.43 13.57 -7.53
CA THR B 108 11.82 13.17 -8.76
C THR B 108 12.81 12.24 -9.51
N ALA B 109 12.26 11.24 -10.17
CA ALA B 109 13.12 10.29 -10.90
C ALA B 109 12.42 9.87 -12.15
N SER B 110 13.23 9.53 -13.15
CA SER B 110 12.68 8.99 -14.38
C SER B 110 13.68 8.09 -15.05
N ALA B 111 13.22 7.24 -15.95
CA ALA B 111 14.16 6.36 -16.65
C ALA B 111 13.58 5.91 -17.94
N ASP B 112 14.48 5.45 -18.81
CA ASP B 112 14.19 5.01 -20.17
C ASP B 112 14.81 3.62 -20.27
N ILE B 113 14.01 2.60 -20.59
CA ILE B 113 14.50 1.22 -20.65
C ILE B 113 14.38 0.74 -22.11
N THR B 114 15.46 0.14 -22.62
CA THR B 114 15.50 -0.40 -23.99
C THR B 114 16.21 -1.76 -23.98
N VAL B 115 15.78 -2.65 -24.86
CA VAL B 115 16.43 -3.96 -25.05
C VAL B 115 17.22 -3.97 -26.38
N SER B 116 18.50 -4.28 -26.31
CA SER B 116 19.28 -4.54 -27.54
C SER B 116 19.13 -6.03 -27.79
N VAL B 117 18.36 -6.41 -28.82
CA VAL B 117 18.14 -7.85 -29.02
C VAL B 117 19.48 -8.49 -29.38
N GLU B 118 20.10 -7.94 -30.43
CA GLU B 118 21.44 -8.38 -30.91
C GLU B 118 22.31 -8.73 -29.74
N GLU B 119 22.39 -7.79 -28.82
CA GLU B 119 23.26 -7.91 -27.67
C GLU B 119 22.65 -8.66 -26.47
N ASN B 120 21.35 -9.01 -26.50
CA ASN B 120 20.66 -9.63 -25.35
C ASN B 120 20.82 -8.80 -24.06
N CYS B 121 20.80 -7.48 -24.23
CA CYS B 121 21.16 -6.51 -23.18
C CYS B 121 20.06 -5.45 -23.04
N PHE B 122 19.82 -5.06 -21.77
CA PHE B 122 19.08 -3.83 -21.43
C PHE B 122 20.00 -2.60 -21.30
N TYR B 123 19.62 -1.52 -21.97
CA TYR B 123 20.19 -0.18 -21.73
C TYR B 123 19.18 0.65 -20.87
N HIS B 124 19.63 1.08 -19.71
CA HIS B 124 18.78 1.81 -18.74
C HIS B 124 19.43 3.17 -18.48
N GLU B 125 18.77 4.25 -18.89
CA GLU B 125 19.24 5.63 -18.65
C GLU B 125 18.29 6.27 -17.63
N SER B 126 18.82 6.87 -16.58
CA SER B 126 17.97 7.43 -15.54
C SER B 126 18.41 8.83 -15.06
N LYS B 127 17.45 9.56 -14.48
CA LYS B 127 17.73 10.89 -13.92
C LYS B 127 17.14 10.94 -12.53
N PHE B 128 17.77 11.66 -11.61
CA PHE B 128 17.30 11.72 -10.23
C PHE B 128 17.59 13.14 -9.68
N HIS B 129 16.58 13.81 -9.14
CA HIS B 129 16.74 15.13 -8.54
C HIS B 129 16.10 15.09 -7.12
N GLY B 130 16.86 15.38 -6.06
CA GLY B 130 16.39 15.38 -4.67
C GLY B 130 16.59 16.73 -4.02
N VAL B 131 15.60 17.22 -3.28
CA VAL B 131 15.71 18.50 -2.54
C VAL B 131 15.27 18.32 -1.12
N ASN B 132 15.85 19.14 -0.23
CA ASN B 132 15.34 19.33 1.13
C ASN B 132 15.43 18.14 2.06
N PHE B 133 16.56 17.38 1.97
CA PHE B 133 16.91 16.39 2.98
C PHE B 133 17.48 17.09 4.18
N PRO B 134 16.86 17.00 5.35
CA PRO B 134 17.39 17.74 6.52
C PRO B 134 18.77 17.27 6.94
N ALA B 135 19.58 18.20 7.41
CA ALA B 135 21.00 17.91 7.66
C ALA B 135 21.21 16.81 8.65
N ASP B 136 20.34 16.74 9.64
CA ASP B 136 20.47 15.72 10.67
C ASP B 136 19.45 14.60 10.52
N GLY B 137 18.82 14.52 9.34
CA GLY B 137 17.96 13.36 9.01
C GLY B 137 18.76 12.13 8.68
N PRO B 138 18.07 10.99 8.57
CA PRO B 138 18.76 9.72 8.26
C PRO B 138 19.40 9.57 6.90
N VAL B 139 18.99 10.37 5.90
CA VAL B 139 19.61 10.28 4.63
C VAL B 139 21.00 10.97 4.70
N MET B 140 21.02 12.15 5.26
CA MET B 140 22.28 12.89 5.31
C MET B 140 23.21 12.37 6.38
N LYS B 141 22.67 11.81 7.46
CA LYS B 141 23.50 11.10 8.44
C LYS B 141 23.86 9.65 8.07
N LYS B 142 23.42 9.19 6.92
CA LYS B 142 23.68 7.83 6.42
C LYS B 142 23.32 6.76 7.43
N MET B 143 22.10 6.83 7.94
CA MET B 143 21.62 5.91 8.93
C MET B 143 20.70 4.84 8.35
N THR B 144 20.65 4.73 7.03
CA THR B 144 19.74 3.78 6.41
C THR B 144 20.48 2.45 6.12
N ILE B 145 19.75 1.35 6.10
CA ILE B 145 20.29 0.01 5.81
C ILE B 145 19.67 -0.59 4.58
N ASN B 146 18.33 -0.57 4.46
CA ASN B 146 17.69 -1.18 3.31
C ASN B 146 16.21 -0.73 3.26
N TRP B 147 15.60 -0.86 2.10
CA TRP B 147 14.14 -0.76 2.02
C TRP B 147 13.55 -2.10 2.46
N GLU B 148 12.41 -2.01 3.13
CA GLU B 148 11.63 -3.17 3.58
C GLU B 148 10.86 -3.66 2.39
N PRO B 149 10.71 -4.98 2.25
CA PRO B 149 9.85 -5.47 1.18
C PRO B 149 8.43 -4.87 1.25
N CYS B 150 7.79 -4.83 0.10
CA CYS B 150 6.58 -4.02 -0.06
C CYS B 150 5.54 -4.70 -0.93
N CYS B 151 4.39 -4.02 -1.06
CA CYS B 151 3.38 -4.44 -2.02
C CYS B 151 2.91 -3.19 -2.78
N GLU B 152 3.26 -3.08 -4.05
CA GLU B 152 2.81 -1.98 -4.87
C GLU B 152 1.50 -2.27 -5.55
N LYS B 153 0.61 -1.31 -5.55
CA LYS B 153 -0.58 -1.47 -6.32
C LYS B 153 -0.40 -0.85 -7.67
N ILE B 154 -0.77 -1.60 -8.68
CA ILE B 154 -0.65 -1.21 -10.09
C ILE B 154 -2.06 -1.03 -10.71
N ILE B 155 -2.33 0.18 -11.22
CA ILE B 155 -3.64 0.51 -11.74
C ILE B 155 -3.58 0.89 -13.19
N PRO B 156 -4.48 0.33 -14.02
CA PRO B 156 -4.57 0.74 -15.43
C PRO B 156 -5.32 2.03 -15.64
N VAL B 157 -4.91 2.85 -16.60
CA VAL B 157 -5.70 3.99 -17.05
C VAL B 157 -5.97 3.70 -18.54
N PRO B 158 -7.03 2.93 -18.87
CA PRO B 158 -7.21 2.42 -20.24
C PRO B 158 -7.32 3.50 -21.32
N ARG B 159 -8.04 4.57 -21.03
CA ARG B 159 -8.22 5.66 -22.00
C ARG B 159 -6.87 6.20 -22.46
N GLN B 160 -5.84 6.07 -21.63
CA GLN B 160 -4.50 6.58 -21.98
C GLN B 160 -3.40 5.58 -22.21
N GLY B 161 -3.61 4.30 -21.99
CA GLY B 161 -2.53 3.35 -22.24
C GLY B 161 -1.38 3.39 -21.27
N ILE B 162 -1.58 3.97 -20.08
CA ILE B 162 -0.57 4.00 -19.03
C ILE B 162 -1.01 3.21 -17.81
N LEU B 163 -0.05 2.88 -16.95
CA LEU B 163 -0.30 2.33 -15.62
C LEU B 163 0.23 3.32 -14.58
N LYS B 164 -0.38 3.30 -13.41
CA LYS B 164 0.07 4.06 -12.26
C LYS B 164 0.40 3.09 -11.21
N GLY B 165 1.46 3.37 -10.45
CA GLY B 165 1.75 2.60 -9.29
C GLY B 165 1.82 3.43 -8.05
N ASP B 166 1.50 2.80 -6.94
CA ASP B 166 1.26 3.43 -5.66
C ASP B 166 1.80 2.48 -4.61
N VAL B 167 2.83 2.93 -3.89
CA VAL B 167 3.38 2.18 -2.76
C VAL B 167 3.96 3.09 -1.71
N ALA B 168 3.69 2.75 -0.45
CA ALA B 168 4.23 3.43 0.67
C ALA B 168 5.42 2.59 1.18
N MET B 169 6.61 3.16 0.98
CA MET B 169 7.86 2.49 1.19
C MET B 169 8.45 2.89 2.52
N TYR B 170 9.27 2.00 3.09
CA TYR B 170 9.93 2.25 4.31
C TYR B 170 11.40 1.87 4.19
N LEU B 171 12.21 2.79 4.66
CA LEU B 171 13.64 2.63 4.70
C LEU B 171 13.99 2.34 6.14
N LEU B 172 14.60 1.18 6.37
CA LEU B 172 14.93 0.72 7.70
C LEU B 172 16.23 1.37 8.19
N LEU B 173 16.25 1.76 9.44
CA LEU B 173 17.33 2.54 9.97
C LEU B 173 18.19 1.71 10.89
N LYS B 174 19.41 2.19 11.08
CA LYS B 174 20.41 1.47 11.92
C LYS B 174 19.92 1.21 13.33
N ASP B 175 19.30 2.21 13.94
CA ASP B 175 18.74 2.09 15.29
C ASP B 175 17.46 1.24 15.41
N GLY B 176 17.00 0.64 14.33
CA GLY B 176 15.77 -0.15 14.34
C GLY B 176 14.51 0.59 13.90
N GLY B 177 14.62 1.88 13.62
CA GLY B 177 13.45 2.62 13.16
C GLY B 177 13.16 2.45 11.68
N ARG B 178 12.17 3.18 11.20
CA ARG B 178 11.81 3.12 9.80
C ARG B 178 11.52 4.57 9.36
N TYR B 179 11.74 4.86 8.10
CA TYR B 179 11.62 6.22 7.54
C TYR B 179 10.76 6.10 6.31
N ARG B 180 9.60 6.72 6.28
CA ARG B 180 8.63 6.44 5.21
C ARG B 180 8.79 7.33 3.98
N CYS B 181 8.49 6.75 2.83
CA CYS B 181 8.51 7.48 1.57
C CYS B 181 7.39 7.03 0.67
N GLN B 182 6.54 7.93 0.23
CA GLN B 182 5.52 7.61 -0.73
C GLN B 182 6.04 7.63 -2.16
N PHE B 183 5.89 6.52 -2.86
CA PHE B 183 6.22 6.41 -4.29
C PHE B 183 4.96 6.55 -5.11
N ASP B 184 4.95 7.48 -6.05
CA ASP B 184 3.87 7.51 -7.05
C ASP B 184 4.51 7.53 -8.44
N THR B 185 4.16 6.52 -9.22
CA THR B 185 4.76 6.26 -10.54
C THR B 185 3.75 6.19 -11.66
N VAL B 186 4.18 6.68 -12.82
CA VAL B 186 3.48 6.47 -14.04
C VAL B 186 4.40 5.70 -15.02
N TYR B 187 3.85 4.64 -15.63
CA TYR B 187 4.59 3.70 -16.50
C TYR B 187 3.92 3.76 -17.87
N LYS B 188 4.74 3.98 -18.92
CA LYS B 188 4.28 4.16 -20.29
C LYS B 188 5.15 3.32 -21.22
N ALA B 189 4.49 2.48 -22.02
CA ALA B 189 5.19 1.79 -23.11
C ALA B 189 5.58 2.76 -24.21
N LYS B 190 6.64 2.48 -24.93
CA LYS B 190 6.99 3.33 -26.09
C LYS B 190 6.07 3.14 -27.28
N THR B 191 5.51 1.94 -27.44
CA THR B 191 4.52 1.73 -28.48
C THR B 191 3.29 1.20 -27.81
N ASP B 192 2.17 1.92 -28.00
CA ASP B 192 0.96 1.61 -27.29
C ASP B 192 0.42 0.26 -27.67
N SER B 193 0.37 -0.56 -26.64
CA SER B 193 0.01 -1.95 -26.76
C SER B 193 -1.49 -2.08 -26.92
N LYS B 194 -1.89 -3.16 -27.55
CA LYS B 194 -3.30 -3.42 -27.77
C LYS B 194 -3.98 -4.00 -26.50
N LYS B 195 -3.18 -4.51 -25.55
CA LYS B 195 -3.69 -5.14 -24.36
C LYS B 195 -3.28 -4.37 -23.11
N MET B 196 -4.22 -4.21 -22.18
CA MET B 196 -3.95 -3.55 -20.87
C MET B 196 -4.29 -4.53 -19.77
N PRO B 197 -3.45 -4.62 -18.75
CA PRO B 197 -3.84 -5.45 -17.63
C PRO B 197 -5.00 -4.83 -16.85
N GLU B 198 -5.65 -5.66 -16.06
CA GLU B 198 -6.48 -5.15 -14.95
C GLU B 198 -5.57 -4.80 -13.76
N TRP B 199 -6.13 -4.09 -12.79
CA TRP B 199 -5.32 -3.75 -11.62
C TRP B 199 -4.76 -4.99 -10.97
N HIS B 200 -3.58 -4.84 -10.37
CA HIS B 200 -2.93 -5.93 -9.67
C HIS B 200 -1.91 -5.43 -8.67
N PHE B 201 -1.29 -6.34 -7.98
CA PHE B 201 -0.19 -6.01 -7.09
C PHE B 201 1.11 -6.50 -7.69
N ILE B 202 2.20 -5.82 -7.32
CA ILE B 202 3.53 -6.39 -7.44
C ILE B 202 4.17 -6.32 -6.12
N GLN B 203 4.58 -7.45 -5.56
CA GLN B 203 5.42 -7.42 -4.39
C GLN B 203 6.92 -7.35 -4.79
N HIS B 204 7.72 -6.64 -4.02
CA HIS B 204 9.11 -6.35 -4.31
C HIS B 204 9.98 -6.51 -3.04
N LYS B 205 11.21 -6.99 -3.24
CA LYS B 205 12.20 -7.02 -2.21
C LYS B 205 13.49 -6.60 -2.87
N LEU B 206 14.08 -5.53 -2.34
CA LEU B 206 15.28 -4.94 -2.92
C LEU B 206 16.30 -4.76 -1.80
N THR B 207 17.52 -5.24 -2.04
CA THR B 207 18.57 -5.21 -1.00
C THR B 207 19.83 -4.57 -1.57
N ARG B 208 20.58 -3.95 -0.66
CA ARG B 208 21.89 -3.35 -1.00
C ARG B 208 22.98 -4.00 -0.22
N GLU B 209 24.04 -4.36 -0.95
CA GLU B 209 25.32 -4.73 -0.32
C GLU B 209 26.44 -3.78 -0.78
N ASP B 210 27.07 -3.11 0.19
CA ASP B 210 28.19 -2.19 -0.07
C ASP B 210 29.42 -2.96 -0.60
N ARG B 211 30.00 -2.47 -1.69
CA ARG B 211 31.17 -3.09 -2.31
C ARG B 211 32.28 -2.04 -2.46
N SER B 212 32.31 -1.04 -1.59
CA SER B 212 33.14 0.16 -1.81
C SER B 212 34.60 -0.10 -1.43
N ASP B 213 35.52 0.35 -2.28
CA ASP B 213 36.97 0.26 -2.06
C ASP B 213 37.62 1.66 -2.13
N ALA B 214 38.92 1.73 -1.81
CA ALA B 214 39.71 2.98 -1.81
C ALA B 214 39.53 3.87 -3.03
N LYS B 215 39.35 3.26 -4.20
CA LYS B 215 39.25 3.99 -5.45
C LYS B 215 37.85 4.57 -5.66
N ASN B 216 36.81 3.80 -5.37
CA ASN B 216 35.44 4.18 -5.79
C ASN B 216 34.40 3.69 -4.82
N GLN B 217 33.32 4.47 -4.70
CA GLN B 217 32.11 4.02 -3.97
C GLN B 217 31.27 3.13 -4.89
N LYS B 218 30.94 1.93 -4.43
CA LYS B 218 30.20 1.06 -5.32
C LYS B 218 29.40 0.10 -4.51
N TRP B 219 28.36 -0.45 -5.14
CA TRP B 219 27.49 -1.36 -4.40
C TRP B 219 26.72 -2.22 -5.34
N GLN B 220 26.16 -3.28 -4.74
CA GLN B 220 25.35 -4.23 -5.48
C GLN B 220 23.90 -4.24 -4.97
N LEU B 221 22.99 -4.14 -5.92
CA LEU B 221 21.58 -4.30 -5.60
C LEU B 221 21.11 -5.64 -6.13
N ALA B 222 20.23 -6.25 -5.37
CA ALA B 222 19.50 -7.43 -5.80
C ALA B 222 17.98 -7.20 -5.61
N GLU B 223 17.19 -7.50 -6.64
CA GLU B 223 15.72 -7.35 -6.58
C GLU B 223 15.01 -8.66 -6.94
N HIS B 224 13.90 -8.93 -6.26
CA HIS B 224 12.94 -9.96 -6.64
C HIS B 224 11.55 -9.33 -6.58
N SER B 225 10.84 -9.38 -7.71
CA SER B 225 9.46 -8.82 -7.84
C SER B 225 8.53 -9.82 -8.50
N VAL B 226 7.32 -9.92 -7.95
CA VAL B 226 6.38 -10.91 -8.38
C VAL B 226 5.00 -10.27 -8.36
N ALA B 227 4.32 -10.34 -9.50
CA ALA B 227 2.96 -9.84 -9.65
C ALA B 227 1.91 -10.86 -9.19
N SER B 228 0.79 -10.36 -8.66
CA SER B 228 -0.31 -11.20 -8.25
C SER B 228 -1.63 -10.42 -8.28
N ARG B 229 -2.75 -11.13 -8.22
CA ARG B 229 -4.06 -10.52 -8.08
C ARG B 229 -4.42 -10.58 -6.65
N SER B 230 -5.53 -9.94 -6.29
CA SER B 230 -6.08 -10.00 -4.96
C SER B 230 -6.30 -11.44 -4.56
N ALA B 231 -6.00 -11.72 -3.31
CA ALA B 231 -6.08 -13.06 -2.82
C ALA B 231 -7.48 -13.30 -2.33
N LEU B 232 -8.39 -12.35 -2.48
CA LEU B 232 -9.75 -12.56 -2.01
C LEU B 232 -10.66 -12.86 -3.19
N ALA B 233 -11.42 -13.95 -3.10
CA ALA B 233 -12.35 -14.34 -4.18
C ALA B 233 -13.47 -13.28 -4.34
#